data_7UEQ
#
_entry.id   7UEQ
#
_cell.length_a   97.827
_cell.length_b   97.827
_cell.length_c   68.927
_cell.angle_alpha   90.000
_cell.angle_beta   90.000
_cell.angle_gamma   120.000
#
_symmetry.space_group_name_H-M   'P 31 2 1'
#
loop_
_entity.id
_entity.type
_entity.pdbx_description
1 polymer 'Pantothenate kinase 3'
2 non-polymer 'PHOSPHOAMINOPHOSPHONIC ACID-ADENYLATE ESTER'
3 non-polymer 'MAGNESIUM ION'
4 non-polymer 1-[4-(6-chloropyridazin-3-yl)piperazin-1-yl]-2-[4-(dimethylamino)phenyl]ethan-1-one
5 water water
#
_entity_poly.entity_id   1
_entity_poly.type   'polypeptide(L)'
_entity_poly.pdbx_seq_one_letter_code
;MGSSHHHHHHSSGLVPRGSPWFGMDIGGTLVKLSYFEPIDITAEEEQEEVESLKSIRKYLTSNVAYGSTGIRDVHLELKD
LTLFGRRGNLHFIRFPTQDLPTFIQMGRDKNFSTLQTVLCATGGGAYKFEKDFRTIGNLHLHKLDELDCLVKGLLYIDSV
SFNGQAECYYFANASEPERCQKMPFNLDDPYPLLVVNIGSGVSILAVHSKDNYKRVTGTSLGGGTFLGLCSLLTGCESFE
EALEMASKGDSTQADKLVRDIYGGDYERFGLPGWAVASSFGNMIYKEKRESVSKEDLARATLVTITNNIGSVARMCAVNE
KINRVVFVGNFLRVNTLSMKLLAYALDYWSKGQLKALFLEHEGYFGAVGALLGLPNFSDD
;
_entity_poly.pdbx_strand_id   A
#
loop_
_chem_comp.id
_chem_comp.type
_chem_comp.name
_chem_comp.formula
ANP non-polymer 'PHOSPHOAMINOPHOSPHONIC ACID-ADENYLATE ESTER' 'C10 H17 N6 O12 P3'
MG non-polymer 'MAGNESIUM ION' 'Mg 2'
N06 non-polymer 1-[4-(6-chloropyridazin-3-yl)piperazin-1-yl]-2-[4-(dimethylamino)phenyl]ethan-1-one 'C18 H22 Cl N5 O'
#
# COMPACT_ATOMS: atom_id res chain seq x y z
N SER A 19 19.44 -2.67 -21.77
CA SER A 19 19.07 -2.09 -20.49
C SER A 19 17.96 -2.91 -19.83
N PRO A 20 18.11 -3.18 -18.54
CA PRO A 20 17.05 -3.89 -17.81
C PRO A 20 15.80 -3.03 -17.71
N TRP A 21 14.65 -3.71 -17.68
CA TRP A 21 13.36 -3.03 -17.62
C TRP A 21 12.93 -2.92 -16.16
N PHE A 22 12.97 -1.69 -15.63
CA PHE A 22 12.62 -1.35 -14.25
C PHE A 22 11.51 -0.29 -14.25
N GLY A 23 10.69 -0.32 -13.22
CA GLY A 23 9.92 0.86 -12.83
C GLY A 23 10.12 1.09 -11.35
N MET A 24 10.20 2.37 -10.95
CA MET A 24 10.53 2.70 -9.57
C MET A 24 9.54 3.71 -9.04
N ASP A 25 9.07 3.49 -7.82
CA ASP A 25 8.22 4.44 -7.10
C ASP A 25 8.95 4.79 -5.81
N ILE A 26 9.49 6.00 -5.73
CA ILE A 26 10.26 6.45 -4.58
C ILE A 26 9.32 7.25 -3.70
N GLY A 27 8.81 6.62 -2.63
CA GLY A 27 7.92 7.29 -1.71
C GLY A 27 8.65 7.93 -0.55
N GLY A 28 7.85 8.55 0.32
CA GLY A 28 8.41 9.15 1.54
C GLY A 28 9.08 8.15 2.45
N THR A 29 8.64 6.89 2.42
CA THR A 29 9.13 5.88 3.35
C THR A 29 9.79 4.72 2.64
N LEU A 30 9.17 4.18 1.60
CA LEU A 30 9.67 3.00 0.91
C LEU A 30 9.88 3.29 -0.57
N VAL A 31 10.91 2.65 -1.13
CA VAL A 31 11.11 2.59 -2.57
C VAL A 31 10.54 1.26 -3.03
N LYS A 32 9.69 1.29 -4.04
CA LYS A 32 9.16 0.08 -4.66
C LYS A 32 9.73 -0.04 -6.05
N LEU A 33 10.16 -1.25 -6.41
CA LEU A 33 10.81 -1.49 -7.69
C LEU A 33 10.12 -2.68 -8.34
N SER A 34 9.69 -2.52 -9.59
CA SER A 34 9.20 -3.62 -10.40
C SER A 34 10.23 -3.92 -11.47
N TYR A 35 10.59 -5.19 -11.62
CA TYR A 35 11.64 -5.61 -12.52
C TYR A 35 11.10 -6.71 -13.41
N PHE A 36 11.20 -6.53 -14.73
CA PHE A 36 10.78 -7.55 -15.67
C PHE A 36 12.00 -8.39 -16.06
N GLU A 37 11.96 -9.67 -15.70
CA GLU A 37 13.02 -10.60 -16.02
C GLU A 37 12.64 -11.38 -17.28
N PRO A 38 13.28 -11.14 -18.42
CA PRO A 38 12.93 -11.91 -19.62
C PRO A 38 13.27 -13.39 -19.44
N ILE A 39 12.40 -14.26 -19.92
CA ILE A 39 12.60 -15.70 -19.84
C ILE A 39 12.64 -16.34 -21.22
N ASP A 40 12.58 -15.55 -22.28
CA ASP A 40 12.67 -16.06 -23.65
C ASP A 40 13.99 -15.65 -24.30
N ILE A 41 15.07 -15.63 -23.52
CA ILE A 41 16.37 -15.24 -24.03
C ILE A 41 16.88 -16.31 -24.97
N THR A 42 17.28 -15.91 -26.17
CA THR A 42 17.89 -16.83 -27.12
C THR A 42 19.35 -17.10 -26.75
N ALA A 43 19.94 -18.09 -27.41
CA ALA A 43 21.37 -18.32 -27.24
C ALA A 43 22.17 -17.13 -27.76
N GLU A 44 21.72 -16.53 -28.86
CA GLU A 44 22.40 -15.36 -29.42
C GLU A 44 22.22 -14.14 -28.52
N GLU A 45 21.03 -13.97 -27.93
CA GLU A 45 20.81 -12.83 -27.04
C GLU A 45 21.68 -12.94 -25.78
N GLU A 46 21.81 -14.16 -25.24
CA GLU A 46 22.69 -14.34 -24.09
C GLU A 46 24.13 -13.99 -24.43
N GLN A 47 24.53 -14.25 -25.69
CA GLN A 47 25.88 -13.90 -26.12
C GLN A 47 26.08 -12.39 -26.21
N GLU A 48 25.03 -11.64 -26.53
CA GLU A 48 25.10 -10.18 -26.61
C GLU A 48 24.94 -9.51 -25.25
N GLU A 49 24.75 -10.28 -24.18
CA GLU A 49 24.52 -9.75 -22.85
C GLU A 49 25.84 -9.37 -22.20
N VAL A 50 26.00 -8.09 -21.85
CA VAL A 50 27.20 -7.66 -21.14
C VAL A 50 27.20 -8.25 -19.74
N GLU A 51 28.39 -8.52 -19.21
CA GLU A 51 28.51 -9.22 -17.94
C GLU A 51 27.92 -8.41 -16.79
N SER A 52 27.92 -7.08 -16.90
CA SER A 52 27.28 -6.26 -15.88
C SER A 52 25.77 -6.52 -15.84
N LEU A 53 25.13 -6.56 -17.02
CA LEU A 53 23.70 -6.86 -17.07
C LEU A 53 23.42 -8.27 -16.57
N LYS A 54 24.22 -9.25 -17.01
CA LYS A 54 24.01 -10.62 -16.56
C LYS A 54 24.18 -10.74 -15.06
N SER A 55 25.15 -10.02 -14.49
CA SER A 55 25.33 -10.07 -13.04
C SER A 55 24.19 -9.37 -12.30
N ILE A 56 23.59 -8.35 -12.92
CA ILE A 56 22.41 -7.73 -12.33
C ILE A 56 21.24 -8.70 -12.30
N ARG A 57 20.97 -9.35 -13.45
CA ARG A 57 19.88 -10.31 -13.51
C ARG A 57 20.09 -11.45 -12.53
N LYS A 58 21.32 -11.99 -12.47
CA LYS A 58 21.64 -13.05 -11.54
C LYS A 58 21.48 -12.59 -10.10
N TYR A 59 21.99 -11.40 -9.77
CA TYR A 59 21.91 -10.91 -8.40
C TYR A 59 20.47 -10.78 -7.93
N LEU A 60 19.59 -10.27 -8.80
CA LEU A 60 18.21 -10.02 -8.42
C LEU A 60 17.41 -11.31 -8.35
N THR A 61 17.64 -12.25 -9.26
CA THR A 61 16.84 -13.48 -9.31
C THR A 61 17.37 -14.59 -8.41
N SER A 62 18.61 -14.50 -7.93
CA SER A 62 19.17 -15.52 -7.05
C SER A 62 19.15 -15.12 -5.57
N ASN A 63 18.72 -13.90 -5.25
CA ASN A 63 18.64 -13.43 -3.88
C ASN A 63 17.23 -12.93 -3.60
N VAL A 64 16.76 -13.16 -2.37
CA VAL A 64 15.49 -12.61 -1.93
C VAL A 64 15.68 -11.50 -0.90
N ALA A 65 16.84 -11.41 -0.27
CA ALA A 65 17.23 -10.26 0.54
C ALA A 65 18.40 -9.58 -0.15
N TYR A 66 18.36 -8.26 -0.25
CA TYR A 66 19.42 -7.49 -0.91
C TYR A 66 20.05 -6.57 0.12
N GLY A 67 21.33 -6.77 0.40
CA GLY A 67 21.89 -6.00 1.50
C GLY A 67 21.19 -6.31 2.81
N SER A 68 21.11 -5.30 3.68
CA SER A 68 20.47 -5.48 4.97
C SER A 68 19.02 -5.05 4.99
N THR A 69 18.54 -4.30 3.99
CA THR A 69 17.20 -3.75 4.05
C THR A 69 16.34 -3.99 2.81
N GLY A 70 16.88 -4.56 1.74
CA GLY A 70 16.09 -4.81 0.54
C GLY A 70 15.45 -6.20 0.59
N ILE A 71 14.23 -6.29 0.07
CA ILE A 71 13.46 -7.53 0.13
C ILE A 71 12.75 -7.75 -1.20
N ARG A 72 12.85 -8.95 -1.75
CA ARG A 72 12.01 -9.33 -2.87
C ARG A 72 10.79 -10.08 -2.36
N ASP A 73 9.61 -9.59 -2.73
CA ASP A 73 8.35 -10.21 -2.33
C ASP A 73 8.02 -11.32 -3.33
N VAL A 74 8.64 -12.48 -3.11
CA VAL A 74 8.57 -13.59 -4.05
C VAL A 74 7.14 -14.06 -4.28
N HIS A 75 6.30 -14.02 -3.25
CA HIS A 75 4.93 -14.49 -3.39
C HIS A 75 4.12 -13.66 -4.37
N LEU A 76 4.54 -12.43 -4.65
CA LEU A 76 3.80 -11.56 -5.58
C LEU A 76 4.23 -11.71 -7.04
N GLU A 77 5.27 -12.47 -7.31
CA GLU A 77 5.82 -12.55 -8.66
C GLU A 77 4.75 -12.96 -9.67
N LEU A 78 4.70 -12.25 -10.79
CA LEU A 78 3.86 -12.65 -11.91
C LEU A 78 4.73 -13.44 -12.88
N LYS A 79 4.34 -14.69 -13.14
CA LYS A 79 5.16 -15.59 -13.94
C LYS A 79 4.64 -15.65 -15.37
N ASP A 80 5.59 -15.69 -16.31
CA ASP A 80 5.28 -15.87 -17.74
C ASP A 80 4.32 -14.80 -18.23
N LEU A 81 4.58 -13.56 -17.83
CA LEU A 81 3.86 -12.41 -18.33
C LEU A 81 4.41 -12.00 -19.69
N THR A 82 3.52 -11.60 -20.60
CA THR A 82 3.93 -11.05 -21.88
C THR A 82 3.87 -9.54 -21.78
N LEU A 83 5.04 -8.89 -21.92
CA LEU A 83 5.15 -7.46 -21.75
C LEU A 83 6.08 -6.92 -22.83
N PHE A 84 5.61 -5.91 -23.56
CA PHE A 84 6.37 -5.30 -24.64
C PHE A 84 6.87 -6.36 -25.63
N GLY A 85 6.03 -7.34 -25.91
CA GLY A 85 6.37 -8.36 -26.89
C GLY A 85 7.38 -9.39 -26.43
N ARG A 86 7.72 -9.42 -25.15
CA ARG A 86 8.62 -10.41 -24.58
C ARG A 86 7.88 -11.17 -23.49
N ARG A 87 8.29 -12.42 -23.26
CA ARG A 87 7.79 -13.19 -22.12
C ARG A 87 8.77 -13.07 -20.97
N GLY A 88 8.24 -12.95 -19.76
CA GLY A 88 9.13 -12.88 -18.61
C GLY A 88 8.37 -12.94 -17.31
N ASN A 89 9.12 -12.79 -16.23
CA ASN A 89 8.57 -12.78 -14.89
C ASN A 89 8.64 -11.36 -14.36
N LEU A 90 7.56 -10.89 -13.74
CA LEU A 90 7.55 -9.57 -13.13
C LEU A 90 7.80 -9.72 -11.64
N HIS A 91 8.86 -9.05 -11.16
CA HIS A 91 9.31 -9.14 -9.77
C HIS A 91 8.99 -7.86 -9.04
N PHE A 92 8.82 -7.99 -7.72
CA PHE A 92 8.42 -6.87 -6.86
C PHE A 92 9.39 -6.77 -5.69
N ILE A 93 10.04 -5.61 -5.56
CA ILE A 93 11.17 -5.43 -4.65
C ILE A 93 10.97 -4.12 -3.90
N ARG A 94 11.30 -4.10 -2.60
CA ARG A 94 11.14 -2.89 -1.82
C ARG A 94 12.34 -2.69 -0.90
N PHE A 95 12.59 -1.43 -0.56
CA PHE A 95 13.64 -1.10 0.41
C PHE A 95 13.36 0.30 0.92
N PRO A 96 13.91 0.67 2.08
CA PRO A 96 13.59 1.99 2.64
C PRO A 96 14.20 3.11 1.82
N THR A 97 13.42 4.18 1.64
CA THR A 97 13.93 5.35 0.96
C THR A 97 15.20 5.88 1.63
N GLN A 98 15.30 5.74 2.95
CA GLN A 98 16.53 6.11 3.67
C GLN A 98 17.77 5.43 3.09
N ASP A 99 17.63 4.28 2.45
CA ASP A 99 18.76 3.54 1.91
C ASP A 99 18.94 3.76 0.41
N LEU A 100 18.20 4.69 -0.18
CA LEU A 100 18.42 5.01 -1.59
C LEU A 100 19.87 5.38 -1.89
N PRO A 101 20.62 6.10 -1.04
CA PRO A 101 22.03 6.33 -1.34
C PRO A 101 22.83 5.06 -1.57
N THR A 102 22.59 4.02 -0.77
CA THR A 102 23.25 2.74 -1.03
C THR A 102 22.88 2.18 -2.40
N PHE A 103 21.59 2.25 -2.75
CA PHE A 103 21.13 1.79 -4.06
C PHE A 103 21.85 2.54 -5.18
N ILE A 104 21.94 3.86 -5.06
CA ILE A 104 22.54 4.65 -6.14
C ILE A 104 24.05 4.40 -6.20
N GLN A 105 24.69 4.24 -5.04
CA GLN A 105 26.12 3.92 -5.03
C GLN A 105 26.38 2.55 -5.63
N MET A 106 25.51 1.58 -5.35
CA MET A 106 25.61 0.28 -6.00
C MET A 106 25.50 0.41 -7.52
N GLY A 107 24.59 1.27 -7.99
CA GLY A 107 24.48 1.50 -9.42
C GLY A 107 25.71 2.15 -10.01
N ARG A 108 26.40 2.97 -9.23
CA ARG A 108 27.64 3.61 -9.68
C ARG A 108 28.83 2.67 -9.60
N ASP A 109 28.71 1.48 -10.18
CA ASP A 109 29.81 0.52 -10.20
C ASP A 109 29.68 -0.45 -11.37
N THR A 117 20.83 3.34 -20.12
CA THR A 117 19.93 2.94 -19.05
C THR A 117 18.85 4.01 -18.86
N VAL A 118 17.59 3.60 -19.02
CA VAL A 118 16.45 4.51 -18.94
C VAL A 118 15.66 4.14 -17.70
N LEU A 119 15.46 5.11 -16.80
CA LEU A 119 14.77 4.85 -15.55
C LEU A 119 13.48 5.63 -15.52
N CYS A 120 12.36 4.91 -15.58
CA CYS A 120 11.05 5.51 -15.39
C CYS A 120 10.75 5.49 -13.90
N ALA A 121 10.57 6.67 -13.31
CA ALA A 121 10.46 6.79 -11.88
C ALA A 121 9.30 7.68 -11.50
N THR A 122 8.63 7.34 -10.40
CA THR A 122 7.51 8.11 -9.91
C THR A 122 7.65 8.25 -8.41
N GLY A 123 6.63 8.79 -7.76
CA GLY A 123 6.71 9.19 -6.37
C GLY A 123 7.45 10.51 -6.18
N GLY A 124 7.29 11.09 -4.98
CA GLY A 124 7.96 12.35 -4.69
C GLY A 124 9.47 12.26 -4.85
N GLY A 125 10.04 11.10 -4.55
CA GLY A 125 11.48 10.90 -4.67
C GLY A 125 12.01 11.00 -6.09
N ALA A 126 11.16 10.75 -7.10
CA ALA A 126 11.62 10.97 -8.48
C ALA A 126 12.03 12.41 -8.69
N TYR A 127 11.34 13.35 -8.03
CA TYR A 127 11.73 14.75 -8.08
C TYR A 127 12.84 15.08 -7.09
N LYS A 128 12.64 14.69 -5.82
CA LYS A 128 13.60 15.05 -4.78
C LYS A 128 15.00 14.54 -5.09
N PHE A 129 15.10 13.33 -5.65
CA PHE A 129 16.40 12.69 -5.85
C PHE A 129 16.81 12.64 -7.31
N GLU A 130 16.18 13.47 -8.15
CA GLU A 130 16.52 13.52 -9.57
C GLU A 130 18.03 13.71 -9.78
N LYS A 131 18.61 14.69 -9.10
CA LYS A 131 20.02 14.99 -9.29
C LYS A 131 20.89 13.81 -8.85
N ASP A 132 20.46 13.07 -7.84
CA ASP A 132 21.23 11.92 -7.39
C ASP A 132 21.22 10.79 -8.41
N PHE A 133 20.06 10.53 -9.02
CA PHE A 133 20.02 9.51 -10.07
C PHE A 133 20.90 9.92 -11.24
N ARG A 134 21.02 11.22 -11.51
CA ARG A 134 21.83 11.66 -12.63
C ARG A 134 23.33 11.54 -12.37
N THR A 135 23.75 11.20 -11.14
CA THR A 135 25.16 10.88 -10.94
C THR A 135 25.55 9.57 -11.58
N ILE A 136 24.58 8.76 -12.01
CA ILE A 136 24.87 7.58 -12.82
C ILE A 136 25.06 8.06 -14.25
N GLY A 137 26.27 7.91 -14.76
CA GLY A 137 26.61 8.40 -16.09
C GLY A 137 25.64 7.94 -17.16
N ASN A 138 25.21 8.87 -18.01
CA ASN A 138 24.36 8.64 -19.17
C ASN A 138 22.97 8.11 -18.81
N LEU A 139 22.57 8.14 -17.54
CA LEU A 139 21.26 7.65 -17.17
C LEU A 139 20.19 8.65 -17.58
N HIS A 140 19.18 8.17 -18.29
CA HIS A 140 18.02 8.99 -18.64
C HIS A 140 16.94 8.76 -17.58
N LEU A 141 16.64 9.81 -16.82
CA LEU A 141 15.59 9.76 -15.81
C LEU A 141 14.32 10.37 -16.37
N HIS A 142 13.22 9.63 -16.29
CA HIS A 142 11.93 10.10 -16.78
C HIS A 142 10.96 10.09 -15.61
N LYS A 143 10.61 11.28 -15.12
CA LYS A 143 9.72 11.41 -13.97
C LYS A 143 8.27 11.32 -14.41
N LEU A 144 7.50 10.45 -13.75
CA LEU A 144 6.10 10.23 -14.06
C LEU A 144 5.25 10.47 -12.81
N ASP A 145 3.99 10.86 -13.00
CA ASP A 145 3.19 11.30 -11.85
C ASP A 145 2.78 10.10 -10.98
N GLU A 146 2.82 10.31 -9.66
CA GLU A 146 2.66 9.21 -8.72
C GLU A 146 1.24 8.66 -8.71
N LEU A 147 0.25 9.46 -9.12
CA LEU A 147 -1.11 8.95 -9.17
C LEU A 147 -1.54 8.48 -10.56
N ASP A 148 -1.03 9.10 -11.63
CA ASP A 148 -1.17 8.49 -12.95
C ASP A 148 -0.57 7.08 -12.99
N CYS A 149 0.60 6.91 -12.39
CA CYS A 149 1.25 5.60 -12.38
C CYS A 149 0.46 4.61 -11.54
N LEU A 150 -0.11 5.09 -10.43
CA LEU A 150 -0.93 4.23 -9.58
C LEU A 150 -2.13 3.68 -10.36
N VAL A 151 -2.85 4.55 -11.07
CA VAL A 151 -4.05 4.11 -11.78
C VAL A 151 -3.68 3.14 -12.91
N LYS A 152 -2.65 3.49 -13.69
CA LYS A 152 -2.24 2.63 -14.81
C LYS A 152 -1.79 1.27 -14.32
N GLY A 153 -1.03 1.22 -13.22
CA GLY A 153 -0.53 -0.06 -12.73
C GLY A 153 -1.62 -0.91 -12.14
N LEU A 154 -2.53 -0.28 -11.38
CA LEU A 154 -3.67 -0.99 -10.81
C LEU A 154 -4.52 -1.62 -11.91
N LEU A 155 -4.86 -0.85 -12.94
CA LEU A 155 -5.68 -1.38 -14.01
C LEU A 155 -4.94 -2.50 -14.76
N TYR A 156 -3.64 -2.35 -14.94
CA TYR A 156 -2.87 -3.36 -15.65
C TYR A 156 -2.84 -4.68 -14.90
N ILE A 157 -2.46 -4.63 -13.62
CA ILE A 157 -2.32 -5.88 -12.85
C ILE A 157 -3.67 -6.59 -12.76
N ASP A 158 -4.75 -5.86 -12.49
CA ASP A 158 -6.04 -6.54 -12.47
C ASP A 158 -6.34 -7.16 -13.83
N SER A 159 -5.96 -6.49 -14.92
CA SER A 159 -6.25 -7.00 -16.26
C SER A 159 -5.51 -8.30 -16.54
N VAL A 160 -4.25 -8.42 -16.10
CA VAL A 160 -3.49 -9.63 -16.40
C VAL A 160 -3.72 -10.75 -15.41
N SER A 161 -4.40 -10.47 -14.29
CA SER A 161 -4.67 -11.40 -13.18
C SER A 161 -3.41 -11.71 -12.40
N PHE A 162 -3.58 -12.32 -11.23
CA PHE A 162 -2.48 -12.72 -10.35
C PHE A 162 -2.25 -14.21 -10.58
N ASN A 163 -1.49 -14.49 -11.63
CA ASN A 163 -1.24 -15.87 -12.05
C ASN A 163 -2.53 -16.68 -12.11
N GLY A 164 -3.54 -16.09 -12.76
CA GLY A 164 -4.82 -16.74 -12.96
C GLY A 164 -5.81 -16.53 -11.84
N GLN A 165 -5.36 -16.04 -10.70
CA GLN A 165 -6.23 -15.73 -9.57
C GLN A 165 -6.65 -14.26 -9.61
N ALA A 166 -7.75 -13.96 -8.93
CA ALA A 166 -8.18 -12.58 -8.79
C ALA A 166 -7.12 -11.72 -8.12
N GLU A 167 -6.88 -10.54 -8.68
CA GLU A 167 -6.07 -9.54 -8.02
C GLU A 167 -6.84 -8.84 -6.91
N CYS A 168 -8.17 -8.71 -7.05
CA CYS A 168 -8.98 -7.93 -6.12
C CYS A 168 -9.79 -8.87 -5.24
N TYR A 169 -9.89 -8.54 -3.95
CA TYR A 169 -10.66 -9.35 -3.02
C TYR A 169 -11.38 -8.44 -2.04
N TYR A 170 -12.33 -9.03 -1.35
CA TYR A 170 -13.07 -8.35 -0.30
C TYR A 170 -13.27 -9.34 0.84
N PHE A 171 -13.79 -8.85 1.97
CA PHE A 171 -14.07 -9.73 3.11
C PHE A 171 -15.58 -9.95 3.17
N ALA A 172 -16.01 -11.17 2.80
CA ALA A 172 -17.43 -11.51 2.79
C ALA A 172 -17.94 -11.61 4.22
N ASN A 173 -19.15 -11.10 4.45
CA ASN A 173 -19.80 -11.16 5.76
C ASN A 173 -18.88 -10.56 6.83
N ALA A 174 -18.37 -9.37 6.54
CA ALA A 174 -17.39 -8.73 7.41
C ALA A 174 -17.94 -8.41 8.80
N SER A 175 -19.25 -8.49 8.99
CA SER A 175 -19.85 -8.17 10.29
C SER A 175 -19.88 -9.36 11.24
N GLU A 176 -19.92 -10.59 10.73
CA GLU A 176 -19.99 -11.76 11.59
C GLU A 176 -18.66 -12.51 11.56
N PRO A 177 -17.91 -12.51 12.66
CA PRO A 177 -16.52 -13.01 12.59
C PRO A 177 -16.43 -14.51 12.35
N GLU A 178 -17.45 -15.28 12.73
CA GLU A 178 -17.48 -16.70 12.41
C GLU A 178 -17.68 -16.95 10.92
N ARG A 179 -18.01 -15.91 10.15
CA ARG A 179 -18.22 -16.02 8.71
C ARG A 179 -17.24 -15.22 7.89
N CYS A 180 -16.62 -14.17 8.45
CA CYS A 180 -15.81 -13.25 7.67
C CYS A 180 -14.65 -13.97 7.00
N GLN A 181 -14.59 -13.88 5.67
CA GLN A 181 -13.54 -14.57 4.94
C GLN A 181 -13.19 -13.81 3.66
N LYS A 182 -11.91 -13.83 3.32
CA LYS A 182 -11.41 -13.30 2.05
C LYS A 182 -12.08 -13.98 0.85
N MET A 183 -12.59 -13.19 -0.09
CA MET A 183 -13.24 -13.73 -1.29
C MET A 183 -12.92 -12.88 -2.51
N PRO A 184 -12.86 -13.47 -3.70
CA PRO A 184 -12.46 -12.69 -4.88
C PRO A 184 -13.55 -11.74 -5.34
N PHE A 185 -13.13 -10.63 -5.96
CA PHE A 185 -14.03 -9.61 -6.48
C PHE A 185 -13.64 -9.29 -7.92
N ASN A 186 -14.62 -9.22 -8.82
CA ASN A 186 -14.36 -8.96 -10.23
C ASN A 186 -14.35 -7.47 -10.52
N LEU A 187 -13.26 -6.99 -11.13
CA LEU A 187 -13.12 -5.60 -11.57
C LEU A 187 -13.00 -5.48 -13.09
N ASP A 188 -13.66 -6.37 -13.84
CA ASP A 188 -13.54 -6.33 -15.28
C ASP A 188 -14.07 -5.01 -15.85
N ASP A 189 -15.15 -4.47 -15.28
CA ASP A 189 -15.55 -3.09 -15.51
C ASP A 189 -15.29 -2.34 -14.22
N PRO A 190 -14.13 -1.69 -14.09
CA PRO A 190 -13.74 -1.13 -12.80
C PRO A 190 -14.28 0.25 -12.52
N TYR A 191 -15.08 0.83 -13.43
CA TYR A 191 -15.44 2.23 -13.23
C TYR A 191 -16.90 2.38 -12.85
N PRO A 192 -17.24 3.33 -11.96
CA PRO A 192 -16.23 4.17 -11.30
C PRO A 192 -15.61 3.49 -10.09
N LEU A 193 -14.51 4.04 -9.58
CA LEU A 193 -13.78 3.41 -8.49
C LEU A 193 -13.16 4.49 -7.64
N LEU A 194 -13.30 4.39 -6.32
CA LEU A 194 -12.58 5.24 -5.39
C LEU A 194 -11.34 4.47 -4.92
N VAL A 195 -10.17 5.06 -5.14
CA VAL A 195 -8.90 4.45 -4.73
C VAL A 195 -8.34 5.22 -3.55
N VAL A 196 -8.09 4.51 -2.46
CA VAL A 196 -7.56 5.12 -1.24
C VAL A 196 -6.16 4.59 -1.05
N ASN A 197 -5.15 5.45 -1.29
CA ASN A 197 -3.75 5.06 -1.27
C ASN A 197 -3.18 5.42 0.09
N ILE A 198 -2.97 4.42 0.94
CA ILE A 198 -2.51 4.64 2.31
C ILE A 198 -1.01 4.39 2.32
N GLY A 199 -0.23 5.45 2.14
CA GLY A 199 1.21 5.40 2.25
C GLY A 199 1.66 6.08 3.53
N SER A 200 2.71 6.90 3.47
CA SER A 200 3.05 7.78 4.60
C SER A 200 1.84 8.62 5.00
N GLY A 201 1.24 9.27 4.01
CA GLY A 201 -0.05 9.90 4.13
C GLY A 201 -1.07 9.18 3.24
N VAL A 202 -2.20 9.83 3.04
CA VAL A 202 -3.30 9.21 2.30
C VAL A 202 -3.71 10.10 1.14
N SER A 203 -3.79 9.52 -0.06
CA SER A 203 -4.39 10.17 -1.21
C SER A 203 -5.66 9.42 -1.58
N ILE A 204 -6.69 10.15 -1.99
CA ILE A 204 -7.98 9.55 -2.38
C ILE A 204 -8.27 9.99 -3.80
N LEU A 205 -8.45 9.01 -4.68
CA LEU A 205 -8.68 9.23 -6.11
C LEU A 205 -10.05 8.75 -6.49
N ALA A 206 -10.68 9.47 -7.42
CA ALA A 206 -11.92 9.02 -8.06
C ALA A 206 -11.58 8.70 -9.50
N VAL A 207 -11.79 7.46 -9.91
CA VAL A 207 -11.40 6.99 -11.23
C VAL A 207 -12.69 6.73 -12.00
N HIS A 208 -12.95 7.55 -13.01
CA HIS A 208 -14.18 7.42 -13.81
C HIS A 208 -13.96 6.66 -15.11
N SER A 209 -12.73 6.63 -15.62
CA SER A 209 -12.38 5.91 -16.83
C SER A 209 -10.87 5.72 -16.83
N LYS A 210 -10.37 5.01 -17.84
CA LYS A 210 -8.93 4.77 -17.93
C LYS A 210 -8.16 6.07 -18.13
N ASP A 211 -8.79 7.11 -18.68
CA ASP A 211 -8.14 8.39 -18.90
C ASP A 211 -8.75 9.53 -18.08
N ASN A 212 -9.70 9.25 -17.19
CA ASN A 212 -10.43 10.28 -16.46
C ASN A 212 -10.42 9.92 -14.98
N TYR A 213 -9.52 10.56 -14.23
CA TYR A 213 -9.44 10.35 -12.80
C TYR A 213 -9.00 11.65 -12.16
N LYS A 214 -9.30 11.79 -10.88
CA LYS A 214 -8.96 13.02 -10.17
C LYS A 214 -8.61 12.67 -8.74
N ARG A 215 -7.73 13.48 -8.15
CA ARG A 215 -7.43 13.35 -6.73
C ARG A 215 -8.50 14.13 -5.96
N VAL A 216 -9.36 13.40 -5.24
CA VAL A 216 -10.47 14.03 -4.53
C VAL A 216 -9.95 14.88 -3.38
N THR A 217 -9.12 14.29 -2.53
CA THR A 217 -8.51 14.94 -1.39
C THR A 217 -7.43 14.00 -0.86
N GLY A 218 -6.94 14.30 0.34
CA GLY A 218 -6.00 13.43 1.01
C GLY A 218 -6.08 13.72 2.50
N THR A 219 -5.42 12.88 3.28
CA THR A 219 -5.27 13.16 4.70
C THR A 219 -3.83 12.87 5.11
N SER A 220 -3.32 13.65 6.05
CA SER A 220 -1.99 13.39 6.55
C SER A 220 -1.98 12.35 7.66
N LEU A 221 -3.14 11.80 8.03
CA LEU A 221 -3.20 10.79 9.07
C LEU A 221 -3.12 9.43 8.39
N GLY A 222 -1.90 8.99 8.11
CA GLY A 222 -1.70 7.79 7.33
C GLY A 222 -0.76 6.81 8.02
N GLY A 223 -0.07 6.02 7.18
CA GLY A 223 0.78 4.98 7.72
C GLY A 223 1.95 5.52 8.51
N GLY A 224 2.43 6.73 8.16
CA GLY A 224 3.53 7.31 8.90
C GLY A 224 3.10 7.81 10.26
N THR A 225 1.83 8.22 10.37
CA THR A 225 1.26 8.56 11.66
C THR A 225 1.16 7.33 12.55
N PHE A 226 0.69 6.22 11.99
CA PHE A 226 0.68 4.98 12.76
C PHE A 226 2.08 4.66 13.27
N LEU A 227 3.05 4.61 12.36
CA LEU A 227 4.39 4.16 12.74
C LEU A 227 5.08 5.18 13.65
N GLY A 228 4.93 6.47 13.37
CA GLY A 228 5.59 7.46 14.18
C GLY A 228 5.02 7.54 15.59
N LEU A 229 3.69 7.60 15.68
CA LEU A 229 3.06 7.65 17.01
C LEU A 229 3.32 6.36 17.76
N CYS A 230 3.22 5.23 17.08
CA CYS A 230 3.46 3.98 17.76
C CYS A 230 4.89 3.92 18.31
N SER A 231 5.87 4.40 17.54
CA SER A 231 7.25 4.41 18.02
C SER A 231 7.43 5.33 19.21
N LEU A 232 6.79 6.50 19.18
CA LEU A 232 6.88 7.41 20.32
C LEU A 232 6.23 6.80 21.56
N LEU A 233 5.08 6.15 21.38
CA LEU A 233 4.28 5.68 22.51
C LEU A 233 4.78 4.37 23.08
N THR A 234 5.36 3.49 22.25
CA THR A 234 5.69 2.14 22.67
C THR A 234 7.17 1.81 22.55
N GLY A 235 7.96 2.62 21.84
CA GLY A 235 9.34 2.28 21.61
C GLY A 235 9.56 1.16 20.62
N CYS A 236 8.55 0.78 19.87
CA CYS A 236 8.77 -0.22 18.84
C CYS A 236 9.72 0.34 17.78
N GLU A 237 10.45 -0.58 17.14
CA GLU A 237 11.50 -0.21 16.22
C GLU A 237 11.24 -0.64 14.79
N SER A 238 10.08 -1.21 14.51
CA SER A 238 9.73 -1.56 13.14
C SER A 238 8.23 -1.59 12.99
N PHE A 239 7.78 -1.44 11.73
CA PHE A 239 6.37 -1.59 11.40
C PHE A 239 5.83 -2.94 11.85
N GLU A 240 6.60 -4.02 11.61
CA GLU A 240 6.13 -5.34 11.99
C GLU A 240 6.01 -5.49 13.49
N GLU A 241 6.94 -4.91 14.26
CA GLU A 241 6.82 -4.95 15.71
C GLU A 241 5.59 -4.17 16.19
N ALA A 242 5.32 -3.02 15.57
CA ALA A 242 4.12 -2.24 15.92
C ALA A 242 2.86 -3.08 15.73
N LEU A 243 2.77 -3.81 14.62
CA LEU A 243 1.61 -4.66 14.38
C LEU A 243 1.53 -5.81 15.39
N GLU A 244 2.67 -6.42 15.72
CA GLU A 244 2.67 -7.50 16.70
C GLU A 244 2.19 -7.00 18.06
N MET A 245 2.64 -5.80 18.47
CA MET A 245 2.16 -5.20 19.71
C MET A 245 0.66 -4.97 19.64
N ALA A 246 0.19 -4.39 18.54
CA ALA A 246 -1.22 -4.08 18.39
C ALA A 246 -2.08 -5.34 18.44
N SER A 247 -1.57 -6.46 17.91
CA SER A 247 -2.36 -7.67 17.90
C SER A 247 -2.65 -8.18 19.30
N LYS A 248 -1.84 -7.80 20.29
CA LYS A 248 -1.97 -8.24 21.67
C LYS A 248 -2.70 -7.24 22.55
N GLY A 249 -3.04 -6.07 22.03
CA GLY A 249 -3.55 -4.97 22.84
C GLY A 249 -5.07 -4.89 22.85
N ASP A 250 -5.56 -4.03 23.75
CA ASP A 250 -6.98 -3.72 23.89
C ASP A 250 -7.11 -2.21 23.72
N SER A 251 -7.58 -1.77 22.56
CA SER A 251 -7.67 -0.34 22.32
C SER A 251 -8.64 0.35 23.27
N THR A 252 -9.59 -0.39 23.86
CA THR A 252 -10.56 0.25 24.73
C THR A 252 -9.96 0.66 26.07
N GLN A 253 -8.74 0.23 26.39
CA GLN A 253 -8.05 0.75 27.57
C GLN A 253 -7.66 2.21 27.37
N ALA A 254 -7.41 2.62 26.12
CA ALA A 254 -7.00 3.98 25.82
C ALA A 254 -8.14 4.84 25.29
N ASP A 255 -9.04 4.25 24.52
CA ASP A 255 -10.14 4.97 23.90
C ASP A 255 -11.33 5.10 24.83
N LYS A 256 -12.04 6.23 24.73
CA LYS A 256 -13.32 6.42 25.40
C LYS A 256 -14.43 6.02 24.42
N LEU A 257 -15.29 5.10 24.84
CA LEU A 257 -16.36 4.60 24.01
C LEU A 257 -17.66 5.34 24.27
N VAL A 258 -18.61 5.20 23.34
CA VAL A 258 -19.94 5.78 23.55
C VAL A 258 -20.52 5.34 24.89
N ARG A 259 -20.35 4.06 25.24
CA ARG A 259 -20.90 3.61 26.50
C ARG A 259 -20.17 4.21 27.70
N ASP A 260 -18.93 4.68 27.55
CA ASP A 260 -18.28 5.36 28.67
C ASP A 260 -18.90 6.72 28.94
N ILE A 261 -19.55 7.32 27.95
CA ILE A 261 -20.15 8.64 28.08
C ILE A 261 -21.63 8.56 28.38
N TYR A 262 -22.34 7.62 27.73
CA TYR A 262 -23.78 7.48 27.87
C TYR A 262 -24.19 6.36 28.82
N GLY A 263 -23.28 5.47 29.18
CA GLY A 263 -23.68 4.27 29.92
C GLY A 263 -24.30 3.19 29.06
N GLY A 264 -24.26 3.34 27.75
CA GLY A 264 -24.91 2.42 26.83
C GLY A 264 -24.87 2.99 25.43
N ASP A 265 -25.82 2.55 24.59
CA ASP A 265 -25.91 3.12 23.26
C ASP A 265 -26.42 4.57 23.32
N TYR A 266 -26.10 5.33 22.27
CA TYR A 266 -26.72 6.63 22.02
C TYR A 266 -27.78 6.35 20.95
N GLU A 267 -28.97 5.97 21.40
CA GLU A 267 -29.99 5.40 20.52
C GLU A 267 -30.50 6.41 19.50
N ARG A 268 -30.63 7.68 19.91
CA ARG A 268 -31.24 8.69 19.06
C ARG A 268 -30.53 8.81 17.70
N PHE A 269 -29.22 8.62 17.67
CA PHE A 269 -28.47 8.74 16.43
C PHE A 269 -27.84 7.42 16.01
N GLY A 270 -28.35 6.31 16.54
CA GLY A 270 -27.87 5.01 16.11
C GLY A 270 -26.40 4.75 16.38
N LEU A 271 -25.87 5.30 17.47
CA LEU A 271 -24.48 5.06 17.82
C LEU A 271 -24.39 3.93 18.85
N PRO A 272 -23.79 2.80 18.53
CA PRO A 272 -23.73 1.70 19.50
C PRO A 272 -22.72 2.02 20.59
N GLY A 273 -22.93 1.43 21.77
CA GLY A 273 -22.06 1.70 22.90
C GLY A 273 -20.61 1.36 22.64
N TRP A 274 -20.34 0.44 21.70
CA TRP A 274 -18.97 0.03 21.41
C TRP A 274 -18.22 0.99 20.50
N ALA A 275 -18.92 1.91 19.84
CA ALA A 275 -18.24 2.85 18.95
C ALA A 275 -17.30 3.75 19.75
N VAL A 276 -16.17 4.11 19.14
CA VAL A 276 -15.24 5.01 19.82
C VAL A 276 -15.79 6.42 19.74
N ALA A 277 -15.93 7.06 20.90
CA ALA A 277 -16.36 8.46 20.97
C ALA A 277 -15.19 9.42 21.01
N SER A 278 -14.09 9.02 21.65
CA SER A 278 -12.90 9.85 21.76
C SER A 278 -11.67 8.96 21.73
N SER A 279 -10.95 8.98 20.61
CA SER A 279 -9.73 8.18 20.47
C SER A 279 -8.70 8.67 21.48
N PHE A 280 -8.06 7.74 22.20
CA PHE A 280 -7.14 8.06 23.30
C PHE A 280 -7.81 8.88 24.41
N GLY A 281 -9.14 8.93 24.45
CA GLY A 281 -9.82 9.86 25.35
C GLY A 281 -9.74 9.45 26.81
N ASN A 282 -9.53 8.16 27.08
CA ASN A 282 -9.30 7.72 28.46
C ASN A 282 -7.92 8.10 28.97
N MET A 283 -7.04 8.56 28.09
CA MET A 283 -5.69 8.93 28.50
C MET A 283 -5.60 10.34 29.09
N ILE A 284 -6.72 11.06 29.26
CA ILE A 284 -6.72 12.30 30.01
C ILE A 284 -6.64 12.07 31.50
N TYR A 285 -6.80 10.82 31.95
CA TYR A 285 -6.78 10.49 33.37
C TYR A 285 -5.43 9.88 33.71
N LYS A 286 -4.74 10.46 34.70
CA LYS A 286 -3.39 10.03 35.01
C LYS A 286 -3.34 8.56 35.43
N GLU A 287 -4.31 8.12 36.24
CA GLU A 287 -4.30 6.73 36.68
C GLU A 287 -4.45 5.77 35.51
N LYS A 288 -5.20 6.17 34.48
CA LYS A 288 -5.33 5.29 33.32
C LYS A 288 -4.06 5.28 32.47
N ARG A 289 -3.38 6.43 32.36
CA ARG A 289 -2.10 6.45 31.66
C ARG A 289 -1.08 5.56 32.36
N GLU A 290 -1.19 5.43 33.68
CA GLU A 290 -0.23 4.62 34.43
C GLU A 290 -0.52 3.12 34.31
N SER A 291 -1.73 2.73 33.89
CA SER A 291 -2.07 1.32 33.83
C SER A 291 -2.15 0.76 32.41
N VAL A 292 -2.12 1.63 31.38
CA VAL A 292 -2.24 1.18 30.00
C VAL A 292 -0.94 0.51 29.57
N SER A 293 -1.06 -0.54 28.77
CA SER A 293 0.13 -1.24 28.29
C SER A 293 0.57 -0.67 26.93
N LYS A 294 1.83 -0.93 26.60
CA LYS A 294 2.32 -0.56 25.28
C LYS A 294 1.49 -1.21 24.18
N GLU A 295 1.09 -2.47 24.39
CA GLU A 295 0.26 -3.15 23.40
C GLU A 295 -1.08 -2.47 23.23
N ASP A 296 -1.72 -2.07 24.34
CA ASP A 296 -2.97 -1.30 24.25
C ASP A 296 -2.78 -0.02 23.44
N LEU A 297 -1.67 0.69 23.67
CA LEU A 297 -1.44 1.94 22.96
C LEU A 297 -1.19 1.68 21.48
N ALA A 298 -0.48 0.61 21.16
CA ALA A 298 -0.25 0.27 19.76
C ALA A 298 -1.55 -0.03 19.06
N ARG A 299 -2.43 -0.80 19.71
CA ARG A 299 -3.71 -1.13 19.10
C ARG A 299 -4.59 0.11 18.96
N ALA A 300 -4.61 0.98 19.99
CA ALA A 300 -5.37 2.21 19.88
C ALA A 300 -4.87 3.08 18.72
N THR A 301 -3.54 3.14 18.53
CA THR A 301 -3.04 3.92 17.41
C THR A 301 -3.51 3.33 16.10
N LEU A 302 -3.45 2.01 15.96
CA LEU A 302 -3.88 1.36 14.73
C LEU A 302 -5.37 1.61 14.48
N VAL A 303 -6.20 1.42 15.51
CA VAL A 303 -7.64 1.61 15.37
C VAL A 303 -7.96 3.06 15.02
N THR A 304 -7.31 4.01 15.71
CA THR A 304 -7.57 5.43 15.48
C THR A 304 -7.29 5.80 14.02
N ILE A 305 -6.12 5.42 13.53
CA ILE A 305 -5.73 5.77 12.17
C ILE A 305 -6.62 5.07 11.15
N THR A 306 -6.90 3.77 11.38
CA THR A 306 -7.68 3.01 10.42
C THR A 306 -9.12 3.50 10.34
N ASN A 307 -9.76 3.72 11.50
CA ASN A 307 -11.12 4.23 11.48
C ASN A 307 -11.21 5.58 10.81
N ASN A 308 -10.21 6.45 11.02
CA ASN A 308 -10.28 7.77 10.42
C ASN A 308 -10.18 7.67 8.91
N ILE A 309 -9.31 6.78 8.42
CA ILE A 309 -9.19 6.59 6.98
C ILE A 309 -10.49 6.04 6.41
N GLY A 310 -11.10 5.07 7.10
CA GLY A 310 -12.38 4.55 6.64
C GLY A 310 -13.44 5.62 6.57
N SER A 311 -13.52 6.47 7.59
CA SER A 311 -14.55 7.49 7.61
C SER A 311 -14.32 8.51 6.51
N VAL A 312 -13.06 8.91 6.27
CA VAL A 312 -12.78 9.86 5.19
C VAL A 312 -13.11 9.22 3.84
N ALA A 313 -12.75 7.95 3.67
CA ALA A 313 -13.11 7.23 2.45
C ALA A 313 -14.62 7.19 2.25
N ARG A 314 -15.38 6.94 3.32
CA ARG A 314 -16.83 6.88 3.19
C ARG A 314 -17.40 8.23 2.76
N MET A 315 -16.96 9.31 3.42
CA MET A 315 -17.44 10.63 3.04
C MET A 315 -17.11 10.95 1.59
N CYS A 316 -15.91 10.56 1.13
CA CYS A 316 -15.54 10.82 -0.26
C CYS A 316 -16.36 9.98 -1.22
N ALA A 317 -16.60 8.71 -0.88
CA ALA A 317 -17.43 7.87 -1.74
C ALA A 317 -18.83 8.44 -1.89
N VAL A 318 -19.43 8.92 -0.80
CA VAL A 318 -20.78 9.46 -0.90
C VAL A 318 -20.77 10.71 -1.77
N ASN A 319 -19.75 11.56 -1.60
CA ASN A 319 -19.67 12.78 -2.39
C ASN A 319 -19.49 12.49 -3.87
N GLU A 320 -18.65 11.50 -4.21
CA GLU A 320 -18.35 11.15 -5.59
C GLU A 320 -19.39 10.20 -6.18
N LYS A 321 -20.32 9.73 -5.36
CA LYS A 321 -21.37 8.76 -5.76
C LYS A 321 -20.74 7.51 -6.36
N ILE A 322 -19.77 6.96 -5.64
CA ILE A 322 -19.05 5.74 -5.97
C ILE A 322 -19.27 4.76 -4.82
N ASN A 323 -19.60 3.51 -5.13
CA ASN A 323 -19.86 2.55 -4.06
C ASN A 323 -18.76 1.51 -3.87
N ARG A 324 -17.76 1.48 -4.74
CA ARG A 324 -16.64 0.55 -4.62
C ARG A 324 -15.40 1.35 -4.20
N VAL A 325 -14.84 1.00 -3.05
CA VAL A 325 -13.69 1.70 -2.47
C VAL A 325 -12.57 0.69 -2.35
N VAL A 326 -11.49 0.89 -3.11
CA VAL A 326 -10.35 -0.01 -3.06
C VAL A 326 -9.22 0.66 -2.29
N PHE A 327 -8.65 -0.08 -1.35
CA PHE A 327 -7.60 0.42 -0.47
C PHE A 327 -6.27 -0.18 -0.88
N VAL A 328 -5.27 0.66 -1.12
CA VAL A 328 -3.94 0.22 -1.52
C VAL A 328 -2.89 0.93 -0.66
N GLY A 329 -1.62 0.66 -0.93
CA GLY A 329 -0.55 1.24 -0.16
C GLY A 329 -0.01 0.28 0.90
N ASN A 330 1.19 0.56 1.38
CA ASN A 330 1.80 -0.45 2.24
C ASN A 330 1.41 -0.35 3.70
N PHE A 331 0.59 0.64 4.10
CA PHE A 331 0.03 0.57 5.45
C PHE A 331 -0.69 -0.75 5.69
N LEU A 332 -1.26 -1.33 4.64
CA LEU A 332 -2.03 -2.57 4.81
C LEU A 332 -1.20 -3.83 4.55
N ARG A 333 0.09 -3.71 4.22
CA ARG A 333 0.90 -4.91 4.04
C ARG A 333 1.00 -5.67 5.35
N VAL A 334 0.86 -7.01 5.27
CA VAL A 334 0.79 -7.93 6.40
C VAL A 334 -0.02 -7.37 7.57
N ASN A 335 -1.09 -6.64 7.25
CA ASN A 335 -1.87 -5.92 8.26
C ASN A 335 -3.34 -6.33 8.13
N THR A 336 -3.65 -7.57 8.53
CA THR A 336 -5.01 -8.06 8.41
C THR A 336 -5.95 -7.35 9.37
N LEU A 337 -5.44 -6.89 10.52
CA LEU A 337 -6.27 -6.18 11.48
C LEU A 337 -6.89 -4.95 10.84
N SER A 338 -6.08 -4.13 10.18
CA SER A 338 -6.63 -2.92 9.57
C SER A 338 -7.54 -3.24 8.41
N MET A 339 -7.21 -4.27 7.61
CA MET A 339 -8.08 -4.62 6.49
C MET A 339 -9.45 -5.05 6.98
N LYS A 340 -9.49 -5.88 8.03
CA LYS A 340 -10.79 -6.33 8.54
C LYS A 340 -11.54 -5.20 9.21
N LEU A 341 -10.82 -4.30 9.90
CA LEU A 341 -11.49 -3.14 10.48
C LEU A 341 -12.11 -2.27 9.39
N LEU A 342 -11.37 -2.04 8.29
CA LEU A 342 -11.93 -1.27 7.18
C LEU A 342 -13.14 -1.97 6.57
N ALA A 343 -13.02 -3.27 6.32
CA ALA A 343 -14.14 -3.99 5.74
C ALA A 343 -15.37 -3.91 6.63
N TYR A 344 -15.20 -4.11 7.93
CA TYR A 344 -16.34 -4.08 8.83
C TYR A 344 -16.92 -2.68 8.92
N ALA A 345 -16.02 -1.69 9.09
CA ALA A 345 -16.46 -0.32 9.33
C ALA A 345 -17.16 0.26 8.11
N LEU A 346 -16.61 0.05 6.92
CA LEU A 346 -17.25 0.61 5.73
C LEU A 346 -18.64 0.01 5.54
N ASP A 347 -18.77 -1.30 5.74
CA ASP A 347 -20.08 -1.93 5.60
C ASP A 347 -21.04 -1.47 6.68
N TYR A 348 -20.58 -1.41 7.93
CA TYR A 348 -21.49 -1.08 9.03
C TYR A 348 -21.99 0.35 8.93
N TRP A 349 -21.07 1.29 8.81
CA TRP A 349 -21.45 2.71 8.85
C TRP A 349 -22.14 3.15 7.57
N SER A 350 -21.93 2.45 6.45
CA SER A 350 -22.66 2.78 5.24
C SER A 350 -23.97 2.00 5.11
N LYS A 351 -24.33 1.24 6.14
CA LYS A 351 -25.53 0.39 6.10
C LYS A 351 -25.54 -0.50 4.86
N GLY A 352 -24.34 -0.96 4.47
CA GLY A 352 -24.22 -1.88 3.36
C GLY A 352 -24.15 -1.23 1.99
N GLN A 353 -24.06 0.09 1.91
CA GLN A 353 -24.02 0.76 0.61
C GLN A 353 -22.63 0.78 -0.01
N LEU A 354 -21.59 0.66 0.79
CA LEU A 354 -20.21 0.70 0.30
C LEU A 354 -19.52 -0.61 0.62
N LYS A 355 -18.60 -1.00 -0.26
CA LYS A 355 -17.83 -2.23 -0.10
C LYS A 355 -16.35 -1.89 -0.09
N ALA A 356 -15.64 -2.40 0.90
CA ALA A 356 -14.19 -2.24 0.96
C ALA A 356 -13.52 -3.31 0.12
N LEU A 357 -12.67 -2.89 -0.81
CA LEU A 357 -11.96 -3.80 -1.69
C LEU A 357 -10.47 -3.69 -1.45
N PHE A 358 -9.75 -4.78 -1.67
CA PHE A 358 -8.32 -4.84 -1.46
C PHE A 358 -7.66 -5.51 -2.66
N LEU A 359 -6.36 -5.25 -2.85
CA LEU A 359 -5.65 -5.81 -4.00
C LEU A 359 -4.38 -6.51 -3.54
N GLU A 360 -4.03 -7.63 -4.18
CA GLU A 360 -2.90 -8.41 -3.69
C GLU A 360 -1.58 -7.70 -3.85
N HIS A 361 -1.45 -6.84 -4.84
CA HIS A 361 -0.17 -6.14 -5.13
C HIS A 361 -0.29 -4.71 -4.65
N GLU A 362 -0.79 -4.51 -3.43
CA GLU A 362 -1.08 -3.22 -2.74
C GLU A 362 -0.13 -2.06 -2.96
N GLY A 363 1.13 -2.29 -2.69
CA GLY A 363 2.06 -1.20 -2.60
C GLY A 363 2.81 -0.95 -3.87
N TYR A 364 2.60 -1.78 -4.90
CA TYR A 364 3.49 -1.79 -6.06
C TYR A 364 2.90 -1.15 -7.30
N PHE A 365 1.69 -0.59 -7.24
CA PHE A 365 1.03 -0.19 -8.48
C PHE A 365 1.74 0.97 -9.14
N GLY A 366 2.23 1.93 -8.36
CA GLY A 366 2.99 3.02 -8.97
C GLY A 366 4.24 2.55 -9.68
N ALA A 367 4.97 1.63 -9.06
CA ALA A 367 6.18 1.09 -9.70
C ALA A 367 5.85 0.39 -11.00
N VAL A 368 4.74 -0.35 -11.04
CA VAL A 368 4.33 -1.01 -12.29
C VAL A 368 3.92 0.02 -13.33
N GLY A 369 3.11 1.01 -12.92
CA GLY A 369 2.72 2.04 -13.87
C GLY A 369 3.91 2.78 -14.46
N ALA A 370 4.95 3.02 -13.65
CA ALA A 370 6.18 3.62 -14.15
C ALA A 370 6.82 2.74 -15.21
N LEU A 371 6.95 1.44 -14.92
CA LEU A 371 7.52 0.52 -15.88
C LEU A 371 6.72 0.52 -17.18
N LEU A 372 5.41 0.66 -17.09
CA LEU A 372 4.57 0.66 -18.28
C LEU A 372 4.76 1.92 -19.13
N GLY A 373 5.37 2.96 -18.57
CA GLY A 373 5.71 4.14 -19.35
C GLY A 373 6.94 4.01 -20.22
N LEU A 374 7.66 2.89 -20.13
CA LEU A 374 8.88 2.71 -20.90
C LEU A 374 8.72 2.91 -22.41
N PRO A 375 7.68 2.40 -23.08
CA PRO A 375 7.60 2.55 -24.54
C PRO A 375 7.57 3.99 -25.03
N ASN A 376 7.13 4.94 -24.21
CA ASN A 376 7.05 6.33 -24.65
C ASN A 376 8.40 7.05 -24.63
N PHE A 377 9.48 6.35 -24.34
CA PHE A 377 10.80 6.97 -24.33
C PHE A 377 11.80 6.15 -25.14
PG ANP B . 4.08 8.35 0.14
O1G ANP B . 3.18 9.05 1.07
O2G ANP B . 5.18 9.34 -0.33
O3G ANP B . 3.33 7.83 -1.12
PB ANP B . 5.31 5.72 0.51
O1B ANP B . 5.07 5.54 -0.94
O2B ANP B . 6.71 5.34 0.97
N3B ANP B . 4.84 7.17 1.07
PA ANP B . 3.92 3.20 1.09
O1A ANP B . 5.15 2.43 0.63
O2A ANP B . 2.68 2.97 0.25
O3A ANP B . 4.24 4.76 1.19
O5' ANP B . 3.51 2.86 2.60
C5' ANP B . 4.30 3.29 3.69
C4' ANP B . 3.67 2.74 4.97
O4' ANP B . 3.67 1.31 4.93
C3' ANP B . 4.47 3.14 6.21
O3' ANP B . 3.96 4.40 6.68
C2' ANP B . 4.07 2.02 7.20
O2' ANP B . 2.81 2.28 7.83
C1' ANP B . 3.82 0.80 6.25
N9 ANP B . 4.90 -0.17 6.18
C8 ANP B . 4.72 -1.47 5.79
N7 ANP B . 5.90 -2.10 5.77
C5 ANP B . 6.86 -1.22 6.13
C6 ANP B . 8.25 -1.31 6.28
N6 ANP B . 8.91 -2.51 6.04
N1 ANP B . 8.93 -0.22 6.65
C2 ANP B . 8.27 0.90 6.86
N3 ANP B . 6.97 1.07 6.73
C4 ANP B . 6.24 0.03 6.38
MG MG C . 3.57 6.19 -2.27
C17 N06 D . -8.70 21.29 5.47
C20 N06 D . -7.55 21.06 6.21
C21 N06 D . -6.58 20.21 5.61
C22 N06 D . -4.77 18.31 4.37
C26 N06 D . -0.53 12.78 0.92
C01 N06 D . 2.43 13.38 -1.27
C03 N06 D . 1.25 11.24 -0.57
C04 N06 D . 0.46 13.44 0.23
C05 N06 D . 0.56 14.82 0.27
C06 N06 D . -0.35 15.55 1.04
C07 N06 D . -1.34 14.87 1.73
C08 N06 D . -2.35 15.65 2.56
C09 N06 D . -3.44 16.26 1.70
C11 N06 D . -5.07 18.09 1.47
C12 N06 D . -6.30 18.23 2.36
C14 N06 D . -6.91 19.68 4.36
C23 N06 D . -3.63 18.05 3.39
C25 N06 D . -1.44 13.50 1.68
N02 N06 D . 1.37 12.69 -0.53
N10 N06 D . -4.05 17.46 2.18
N13 N06 D . -5.99 18.82 3.69
N15 N06 D . -8.03 19.96 3.76
N16 N06 D . -8.93 20.77 4.31
O24 N06 D . -3.83 15.81 0.67
CL18 N06 D . -9.95 22.36 6.13
#